data_5NV7
#
_entry.id   5NV7
#
_cell.length_a   74.680
_cell.length_b   74.680
_cell.length_c   157.580
_cell.angle_alpha   90.000
_cell.angle_beta   90.000
_cell.angle_gamma   120.000
#
_symmetry.space_group_name_H-M   'P 32 2 1'
#
loop_
_entity.id
_entity.type
_entity.pdbx_description
1 polymer 'DNA (cytosine-5)-methyltransferase 3B'
2 non-polymer N1-(2-hydroxyethyl)-2-methyl-1,2-propanediamine
3 non-polymer 'SULFATE ION'
4 water water
#
_entity_poly.entity_id   1
_entity_poly.type   'polypeptide(L)'
_entity_poly.pdbx_seq_one_letter_code
;EADSGDGDSSEYQDGKEFGIGDLVWGKIKGFSWWPAMVVSWKATSKRQAMSGMRWVQWFGDGKFSEVSADKLVALGLFSQ
HFNLATFNKLVSYRKAMYHALEKARVRAGKTFPSSPGDSLEDQLKPMLEWAHGGFKPTGIEGLKPNNTQP
;
_entity_poly.pdbx_strand_id   A,B
#
# COMPACT_ATOMS: atom_id res chain seq x y z
N SER A 10 5.11 -0.94 -16.70
CA SER A 10 5.73 -1.88 -15.76
C SER A 10 5.18 -1.69 -14.34
N GLU A 11 5.86 -2.30 -13.36
CA GLU A 11 5.41 -2.27 -11.97
C GLU A 11 5.62 -0.91 -11.29
N TYR A 12 4.63 -0.51 -10.50
CA TYR A 12 4.65 0.76 -9.74
C TYR A 12 4.49 2.01 -10.61
N GLN A 13 3.95 1.82 -11.81
CA GLN A 13 3.70 2.94 -12.71
C GLN A 13 2.26 3.45 -12.59
N ASP A 14 1.99 4.15 -11.49
CA ASP A 14 0.65 4.66 -11.20
C ASP A 14 0.66 6.17 -10.96
N GLY A 15 1.79 6.80 -11.30
CA GLY A 15 1.95 8.23 -11.10
C GLY A 15 2.10 8.61 -9.64
N LYS A 16 2.64 7.68 -8.83
CA LYS A 16 2.97 7.99 -7.44
C LYS A 16 4.47 7.89 -7.22
N GLU A 17 4.91 8.38 -6.06
CA GLU A 17 6.32 8.45 -5.68
C GLU A 17 6.85 7.05 -5.29
N PHE A 18 8.17 6.89 -5.28
CA PHE A 18 8.87 5.69 -4.76
C PHE A 18 8.92 4.50 -5.70
N GLY A 19 10.13 4.03 -6.00
CA GLY A 19 10.32 2.84 -6.78
C GLY A 19 11.24 1.85 -6.10
N ILE A 20 11.43 0.71 -6.76
CA ILE A 20 12.20 -0.41 -6.21
C ILE A 20 13.60 0.03 -5.78
N GLY A 21 14.04 -0.45 -4.61
CA GLY A 21 15.32 -0.04 -4.05
C GLY A 21 15.28 1.13 -3.08
N ASP A 22 14.29 2.01 -3.19
CA ASP A 22 14.21 3.22 -2.36
C ASP A 22 14.16 2.96 -0.86
N LEU A 23 14.99 3.67 -0.10
CA LEU A 23 14.96 3.62 1.36
C LEU A 23 13.88 4.56 1.89
N VAL A 24 12.95 4.06 2.69
CA VAL A 24 11.80 4.87 3.09
C VAL A 24 11.48 4.74 4.58
N TRP A 25 10.72 5.69 5.09
CA TRP A 25 10.02 5.49 6.34
C TRP A 25 8.61 5.06 5.96
N GLY A 26 8.09 4.07 6.67
CA GLY A 26 6.73 3.64 6.45
C GLY A 26 5.92 3.69 7.72
N LYS A 27 4.65 4.08 7.59
CA LYS A 27 3.78 4.24 8.75
C LYS A 27 2.70 3.17 8.78
N ILE A 28 2.85 2.22 9.69
CA ILE A 28 1.79 1.24 9.93
C ILE A 28 1.00 1.67 11.17
N LYS A 29 -0.33 1.58 11.07
CA LYS A 29 -1.23 1.94 12.16
C LYS A 29 -0.82 1.19 13.42
N GLY A 30 -0.55 1.91 14.50
CA GLY A 30 -0.06 1.29 15.72
C GLY A 30 1.43 1.41 16.02
N PHE A 31 2.24 1.69 15.00
CA PHE A 31 3.71 1.76 15.17
C PHE A 31 4.30 3.14 14.83
N SER A 32 5.48 3.43 15.39
CA SER A 32 6.26 4.57 14.93
C SER A 32 6.60 4.41 13.44
N TRP A 33 6.93 5.51 12.78
CA TRP A 33 7.53 5.43 11.46
C TRP A 33 8.71 4.47 11.57
N TRP A 34 8.78 3.54 10.61
CA TRP A 34 9.76 2.48 10.67
C TRP A 34 10.51 2.42 9.33
N PRO A 35 11.84 2.18 9.37
CA PRO A 35 12.63 2.15 8.12
C PRO A 35 12.35 0.90 7.27
N ALA A 36 12.21 1.10 5.97
CA ALA A 36 11.94 -0.03 5.07
C ALA A 36 12.68 0.10 3.73
N MET A 37 12.67 -0.97 2.93
CA MET A 37 13.07 -0.82 1.53
C MET A 37 11.91 -1.15 0.62
N VAL A 38 11.66 -0.33 -0.39
CA VAL A 38 10.63 -0.63 -1.39
C VAL A 38 11.12 -1.84 -2.20
N VAL A 39 10.32 -2.91 -2.23
CA VAL A 39 10.69 -4.12 -3.00
C VAL A 39 9.65 -4.46 -4.06
N SER A 40 10.04 -5.25 -5.04
CA SER A 40 9.09 -5.73 -6.06
C SER A 40 8.15 -6.77 -5.45
N TRP A 41 6.97 -6.95 -6.03
CA TRP A 41 6.07 -7.95 -5.48
C TRP A 41 6.64 -9.36 -5.65
N LYS A 42 7.52 -9.53 -6.63
CA LYS A 42 8.12 -10.83 -6.88
C LYS A 42 9.01 -11.33 -5.73
N ALA A 43 9.58 -10.40 -4.97
CA ALA A 43 10.38 -10.79 -3.82
C ALA A 43 9.49 -11.20 -2.64
N THR A 44 8.22 -10.84 -2.68
CA THR A 44 7.36 -11.00 -1.51
C THR A 44 6.74 -12.38 -1.36
N SER A 45 6.66 -13.14 -2.44
CA SER A 45 5.91 -14.40 -2.45
C SER A 45 4.44 -14.17 -2.12
N LYS A 46 3.86 -13.10 -2.64
CA LYS A 46 2.44 -12.82 -2.44
C LYS A 46 1.69 -12.49 -3.73
N ARG A 47 1.67 -11.21 -4.11
CA ARG A 47 0.83 -10.76 -5.23
C ARG A 47 1.22 -9.34 -5.59
N GLN A 48 0.83 -8.88 -6.77
CA GLN A 48 1.06 -7.49 -7.13
C GLN A 48 0.36 -6.53 -6.16
N ALA A 49 1.03 -5.41 -5.87
CA ALA A 49 0.44 -4.39 -5.04
C ALA A 49 -0.74 -3.76 -5.75
N MET A 50 -1.75 -3.31 -5.01
CA MET A 50 -2.82 -2.51 -5.62
C MET A 50 -2.23 -1.18 -6.10
N SER A 51 -2.91 -0.55 -7.05
CA SER A 51 -2.49 0.74 -7.58
C SER A 51 -2.36 1.74 -6.44
N GLY A 52 -1.23 2.45 -6.41
CA GLY A 52 -1.01 3.47 -5.39
C GLY A 52 -0.39 2.89 -4.15
N MET A 53 -0.06 1.61 -4.19
CA MET A 53 0.66 1.01 -3.08
C MET A 53 2.02 0.45 -3.48
N ARG A 54 2.84 0.19 -2.47
CA ARG A 54 4.18 -0.34 -2.66
C ARG A 54 4.38 -1.48 -1.70
N TRP A 55 5.02 -2.55 -2.15
CA TRP A 55 5.50 -3.54 -1.21
C TRP A 55 6.76 -2.95 -0.57
N VAL A 56 6.87 -3.06 0.74
CA VAL A 56 8.12 -2.74 1.41
C VAL A 56 8.56 -3.91 2.27
N GLN A 57 9.88 -3.98 2.46
CA GLN A 57 10.44 -4.92 3.41
C GLN A 57 11.04 -4.12 4.56
N TRP A 58 10.58 -4.38 5.79
CA TRP A 58 11.01 -3.62 6.96
C TRP A 58 12.39 -4.02 7.44
N PHE A 59 13.22 -3.04 7.74
CA PHE A 59 14.53 -3.32 8.33
C PHE A 59 14.35 -3.84 9.74
N GLY A 60 15.20 -4.79 10.12
CA GLY A 60 15.17 -5.36 11.45
C GLY A 60 14.43 -6.68 11.54
N ASP A 61 13.26 -6.78 10.92
CA ASP A 61 12.51 -8.04 10.94
C ASP A 61 12.36 -8.71 9.57
N GLY A 62 12.62 -7.98 8.50
CA GLY A 62 12.60 -8.56 7.16
C GLY A 62 11.22 -8.95 6.62
N LYS A 63 10.15 -8.50 7.28
CA LYS A 63 8.78 -8.82 6.85
C LYS A 63 8.27 -7.93 5.72
N PHE A 64 7.21 -8.36 5.04
CA PHE A 64 6.70 -7.63 3.89
C PHE A 64 5.32 -7.00 4.18
N SER A 65 5.11 -5.75 3.74
CA SER A 65 3.83 -5.07 3.92
C SER A 65 3.41 -4.33 2.65
N GLU A 66 2.10 -4.35 2.35
CA GLU A 66 1.58 -3.50 1.29
C GLU A 66 1.19 -2.16 1.91
N VAL A 67 1.91 -1.12 1.54
CA VAL A 67 1.72 0.19 2.18
C VAL A 67 1.38 1.21 1.13
N SER A 68 0.48 2.13 1.45
CA SER A 68 0.13 3.18 0.50
C SER A 68 1.35 4.04 0.23
N ALA A 69 1.44 4.64 -0.94
CA ALA A 69 2.56 5.52 -1.23
C ALA A 69 2.45 6.83 -0.45
N ASP A 70 1.27 7.05 0.13
CA ASP A 70 0.99 8.27 0.90
C ASP A 70 1.42 8.11 2.35
N LYS A 71 1.57 6.86 2.78
CA LYS A 71 2.13 6.56 4.09
C LYS A 71 3.63 6.19 4.00
N LEU A 72 4.32 6.67 2.96
CA LEU A 72 5.78 6.52 2.85
C LEU A 72 6.47 7.87 2.66
N VAL A 73 7.60 8.07 3.33
CA VAL A 73 8.45 9.22 3.02
C VAL A 73 9.87 8.72 2.84
N ALA A 74 10.70 9.53 2.17
CA ALA A 74 12.11 9.18 1.92
C ALA A 74 12.87 9.07 3.23
N LEU A 75 13.66 8.02 3.38
CA LEU A 75 14.47 7.89 4.60
C LEU A 75 15.36 9.11 4.84
N GLY A 76 15.77 9.80 3.77
CA GLY A 76 16.62 10.98 3.85
C GLY A 76 16.03 12.10 4.67
N LEU A 77 14.70 12.20 4.70
CA LEU A 77 14.01 13.09 5.62
C LEU A 77 14.09 12.49 7.03
N PHE A 78 15.31 12.39 7.55
CA PHE A 78 15.56 11.56 8.73
C PHE A 78 15.10 12.18 10.04
N SER A 79 15.69 13.32 10.40
CA SER A 79 15.36 13.95 11.66
C SER A 79 13.85 14.22 11.79
N GLN A 80 13.18 14.42 10.66
CA GLN A 80 11.73 14.62 10.70
C GLN A 80 10.91 13.42 11.13
N HIS A 81 11.39 12.20 10.86
CA HIS A 81 10.58 11.03 11.19
C HIS A 81 11.26 10.10 12.15
N PHE A 82 12.54 10.35 12.39
CA PHE A 82 13.21 9.59 13.42
C PHE A 82 12.48 9.81 14.74
N ASN A 83 12.24 8.75 15.49
CA ASN A 83 11.46 8.87 16.71
C ASN A 83 12.32 8.57 17.92
N LEU A 84 12.73 9.62 18.62
CA LEU A 84 13.71 9.48 19.67
C LEU A 84 13.15 8.62 20.82
N ALA A 85 11.89 8.82 21.18
CA ALA A 85 11.29 8.02 22.26
C ALA A 85 11.34 6.53 21.93
N THR A 86 10.79 6.16 20.76
CA THR A 86 10.80 4.76 20.34
C THR A 86 12.21 4.21 20.31
N PHE A 87 13.17 5.05 19.92
CA PHE A 87 14.56 4.63 19.89
C PHE A 87 15.11 4.30 21.27
N ASN A 88 14.68 5.04 22.30
CA ASN A 88 15.13 4.77 23.66
C ASN A 88 14.38 3.57 24.27
N LYS A 89 13.13 3.38 23.87
CA LYS A 89 12.29 2.32 24.41
C LYS A 89 12.45 0.93 23.73
N LEU A 90 12.65 0.87 22.42
CA LEU A 90 12.62 -0.42 21.68
C LEU A 90 13.95 -0.87 21.08
N VAL A 91 14.48 -1.98 21.57
CA VAL A 91 15.70 -2.55 21.03
C VAL A 91 15.51 -2.95 19.55
N SER A 92 14.30 -3.38 19.18
CA SER A 92 14.05 -3.73 17.79
C SER A 92 14.21 -2.53 16.86
N TYR A 93 13.87 -1.35 17.35
CA TYR A 93 13.95 -0.10 16.58
C TYR A 93 15.42 0.30 16.42
N ARG A 94 16.22 0.11 17.46
CA ARG A 94 17.65 0.41 17.36
C ARG A 94 18.29 -0.53 16.36
N LYS A 95 17.94 -1.81 16.46
CA LYS A 95 18.37 -2.84 15.51
C LYS A 95 18.01 -2.42 14.07
N ALA A 96 16.76 -1.99 13.89
CA ALA A 96 16.28 -1.55 12.57
C ALA A 96 17.07 -0.38 12.01
N MET A 97 17.31 0.63 12.86
CA MET A 97 18.13 1.78 12.51
C MET A 97 19.49 1.37 11.98
N TYR A 98 20.14 0.44 12.68
CA TYR A 98 21.45 -0.03 12.28
C TYR A 98 21.42 -0.58 10.86
N HIS A 99 20.54 -1.54 10.60
CA HIS A 99 20.50 -2.16 9.28
C HIS A 99 20.11 -1.16 8.21
N ALA A 100 19.19 -0.27 8.56
CA ALA A 100 18.79 0.77 7.63
C ALA A 100 19.97 1.68 7.29
N LEU A 101 20.67 2.17 8.32
CA LEU A 101 21.71 3.17 8.10
C LEU A 101 22.95 2.56 7.43
N GLU A 102 23.32 1.36 7.87
CA GLU A 102 24.34 0.56 7.20
C GLU A 102 24.13 0.46 5.69
N LYS A 103 22.90 0.15 5.28
CA LYS A 103 22.58 0.10 3.85
C LYS A 103 22.75 1.48 3.20
N ALA A 104 22.37 2.53 3.94
CA ALA A 104 22.49 3.90 3.45
C ALA A 104 23.95 4.31 3.27
N ARG A 105 24.77 3.86 4.21
CA ARG A 105 26.17 4.22 4.29
C ARG A 105 26.90 3.66 3.08
N VAL A 106 26.69 2.37 2.83
CA VAL A 106 27.31 1.71 1.70
C VAL A 106 26.89 2.37 0.39
N ARG A 107 25.63 2.73 0.24
CA ARG A 107 25.18 3.42 -0.97
C ARG A 107 25.87 4.77 -1.18
N ALA A 108 26.02 5.54 -0.10
CA ALA A 108 26.49 6.91 -0.21
C ALA A 108 28.01 6.97 -0.31
N GLY A 109 28.66 5.84 -0.10
CA GLY A 109 30.09 5.80 -0.18
C GLY A 109 30.71 6.45 1.02
N LYS A 110 30.01 6.37 2.15
CA LYS A 110 30.50 6.91 3.42
C LYS A 110 31.23 5.80 4.19
N THR A 111 32.22 6.19 5.00
CA THR A 111 32.87 5.25 5.91
C THR A 111 32.96 5.88 7.33
N PHE A 112 32.88 5.03 8.34
CA PHE A 112 33.11 5.45 9.73
C PHE A 112 34.24 4.65 10.37
N PRO A 113 34.92 5.24 11.37
CA PRO A 113 35.90 4.53 12.23
C PRO A 113 35.24 3.42 13.07
N SER A 119 31.04 -2.36 19.66
CA SER A 119 29.72 -2.76 20.15
C SER A 119 28.58 -2.50 19.15
N LEU A 120 27.35 -2.40 19.66
CA LEU A 120 26.19 -2.09 18.81
C LEU A 120 25.81 -0.62 18.90
N GLU A 121 25.31 -0.21 20.07
CA GLU A 121 25.05 1.19 20.37
C GLU A 121 26.23 2.04 19.97
N ASP A 122 27.43 1.49 20.16
CA ASP A 122 28.68 2.16 19.84
C ASP A 122 28.93 2.30 18.33
N GLN A 123 28.45 1.32 17.56
CA GLN A 123 28.66 1.34 16.11
C GLN A 123 27.59 2.20 15.46
N LEU A 124 26.42 2.22 16.09
CA LEU A 124 25.27 2.99 15.64
C LEU A 124 25.50 4.50 15.78
N LYS A 125 26.16 4.90 16.87
CA LYS A 125 26.28 6.31 17.24
C LYS A 125 26.70 7.25 16.10
N PRO A 126 27.83 6.95 15.40
CA PRO A 126 28.21 7.87 14.32
C PRO A 126 27.32 7.79 13.08
N MET A 127 26.69 6.64 12.82
CA MET A 127 25.81 6.54 11.65
C MET A 127 24.54 7.33 11.95
N LEU A 128 24.10 7.27 13.20
CA LEU A 128 22.95 8.06 13.65
C LEU A 128 23.21 9.57 13.53
N GLU A 129 24.42 10.00 13.90
CA GLU A 129 24.79 11.41 13.83
C GLU A 129 24.85 11.88 12.40
N TRP A 130 25.43 11.04 11.53
CA TRP A 130 25.54 11.29 10.11
C TRP A 130 24.14 11.47 9.51
N ALA A 131 23.25 10.55 9.86
CA ALA A 131 21.88 10.57 9.36
C ALA A 131 21.14 11.81 9.85
N HIS A 132 21.21 12.03 11.16
CA HIS A 132 20.52 13.17 11.74
C HIS A 132 21.08 14.47 11.18
N GLY A 133 22.36 14.46 10.84
CA GLY A 133 23.04 15.66 10.37
C GLY A 133 22.73 16.00 8.94
N GLY A 134 22.04 15.10 8.25
CA GLY A 134 21.64 15.33 6.87
C GLY A 134 22.42 14.53 5.83
N PHE A 135 23.08 13.45 6.25
CA PHE A 135 23.76 12.55 5.31
C PHE A 135 24.88 13.24 4.52
N LYS A 136 25.79 13.86 5.26
CA LYS A 136 26.88 14.63 4.67
C LYS A 136 28.10 13.72 4.43
N PRO A 137 28.83 13.94 3.33
CA PRO A 137 28.71 15.02 2.32
C PRO A 137 27.70 14.88 1.17
N THR A 138 27.12 13.70 0.93
CA THR A 138 26.32 13.51 -0.28
C THR A 138 24.91 14.07 -0.20
N GLY A 139 24.43 14.30 1.02
CA GLY A 139 23.03 14.61 1.20
C GLY A 139 22.18 13.42 0.81
N ILE A 140 20.88 13.64 0.63
CA ILE A 140 19.95 12.54 0.42
C ILE A 140 20.14 11.87 -0.93
N GLU A 141 20.78 12.59 -1.84
CA GLU A 141 21.13 12.09 -3.17
C GLU A 141 21.92 10.79 -3.08
N GLY A 142 22.79 10.66 -2.08
CA GLY A 142 23.62 9.48 -1.95
C GLY A 142 22.91 8.22 -1.44
N LEU A 143 21.60 8.29 -1.20
CA LEU A 143 20.90 7.14 -0.64
C LEU A 143 20.14 6.38 -1.73
N LYS A 144 20.23 6.87 -2.96
CA LYS A 144 19.53 6.24 -4.08
C LYS A 144 20.12 4.87 -4.43
N PRO A 145 19.28 3.96 -4.96
CA PRO A 145 19.70 2.61 -5.38
C PRO A 145 20.57 2.61 -6.67
N ASN A 146 21.25 1.48 -6.93
CA ASN A 146 22.22 1.26 -8.03
C ASN A 146 23.64 1.66 -7.62
N GLU B 11 -8.35 8.98 -21.36
CA GLU B 11 -8.65 7.56 -21.17
C GLU B 11 -9.99 7.40 -20.44
N TYR B 12 -10.78 6.41 -20.86
CA TYR B 12 -12.14 6.18 -20.35
C TYR B 12 -13.07 7.38 -20.59
N GLN B 13 -12.77 8.14 -21.64
CA GLN B 13 -13.57 9.31 -22.00
C GLN B 13 -14.63 8.88 -23.00
N ASP B 14 -15.68 8.23 -22.51
CA ASP B 14 -16.73 7.68 -23.39
C ASP B 14 -18.14 7.75 -22.80
N GLY B 15 -18.33 8.65 -21.83
CA GLY B 15 -19.64 8.89 -21.28
C GLY B 15 -20.21 7.79 -20.40
N LYS B 16 -19.59 6.61 -20.45
CA LYS B 16 -19.97 5.51 -19.56
C LYS B 16 -19.47 5.74 -18.12
N GLU B 17 -20.09 5.08 -17.15
CA GLU B 17 -19.71 5.21 -15.73
C GLU B 17 -18.26 4.81 -15.44
N PHE B 18 -17.77 5.26 -14.27
CA PHE B 18 -16.53 4.75 -13.64
C PHE B 18 -15.22 5.27 -14.22
N GLY B 19 -14.44 5.90 -13.35
CA GLY B 19 -13.12 6.37 -13.74
C GLY B 19 -12.05 5.89 -12.80
N ILE B 20 -10.82 6.26 -13.11
CA ILE B 20 -9.65 5.78 -12.39
C ILE B 20 -9.78 5.97 -10.87
N GLY B 21 -9.52 4.90 -10.12
CA GLY B 21 -9.63 4.96 -8.67
C GLY B 21 -10.97 4.54 -8.08
N ASP B 22 -12.01 4.35 -8.90
CA ASP B 22 -13.31 3.99 -8.35
C ASP B 22 -13.36 2.57 -7.77
N LEU B 23 -13.98 2.44 -6.61
CA LEU B 23 -14.16 1.12 -6.02
C LEU B 23 -15.44 0.51 -6.55
N VAL B 24 -15.36 -0.73 -7.02
CA VAL B 24 -16.47 -1.33 -7.73
C VAL B 24 -16.63 -2.81 -7.45
N TRP B 25 -17.83 -3.31 -7.77
CA TRP B 25 -18.03 -4.73 -7.89
C TRP B 25 -17.89 -5.07 -9.34
N GLY B 26 -17.30 -6.22 -9.61
CA GLY B 26 -17.10 -6.67 -10.98
C GLY B 26 -17.49 -8.12 -11.13
N LYS B 27 -17.99 -8.45 -12.31
CA LYS B 27 -18.49 -9.79 -12.60
C LYS B 27 -17.68 -10.44 -13.71
N ILE B 28 -17.13 -11.61 -13.42
CA ILE B 28 -16.54 -12.46 -14.44
C ILE B 28 -17.33 -13.77 -14.47
N LYS B 29 -17.58 -14.32 -15.66
CA LYS B 29 -18.38 -15.53 -15.76
C LYS B 29 -17.74 -16.73 -15.06
N GLY B 30 -18.52 -17.37 -14.19
CA GLY B 30 -18.04 -18.44 -13.35
C GLY B 30 -17.78 -17.93 -11.95
N PHE B 31 -18.02 -16.64 -11.74
CA PHE B 31 -17.74 -16.01 -10.46
C PHE B 31 -18.90 -15.10 -10.07
N SER B 32 -19.06 -14.89 -8.77
CA SER B 32 -19.97 -13.87 -8.27
C SER B 32 -19.27 -12.51 -8.33
N TRP B 33 -19.96 -11.47 -7.89
CA TRP B 33 -19.37 -10.15 -7.78
C TRP B 33 -18.13 -10.11 -6.90
N TRP B 34 -17.08 -9.48 -7.39
CA TRP B 34 -15.82 -9.40 -6.67
C TRP B 34 -15.43 -7.93 -6.61
N PRO B 35 -14.85 -7.49 -5.48
CA PRO B 35 -14.51 -6.07 -5.36
C PRO B 35 -13.20 -5.75 -6.12
N ALA B 36 -13.06 -4.51 -6.56
CA ALA B 36 -11.98 -4.16 -7.47
C ALA B 36 -11.80 -2.64 -7.47
N MET B 37 -10.69 -2.20 -8.06
CA MET B 37 -10.48 -0.78 -8.30
C MET B 37 -10.23 -0.54 -9.78
N VAL B 38 -10.87 0.51 -10.33
CA VAL B 38 -10.66 0.90 -11.72
C VAL B 38 -9.26 1.53 -11.83
N VAL B 39 -8.40 0.94 -12.64
CA VAL B 39 -7.03 1.48 -12.81
C VAL B 39 -6.79 1.98 -14.24
N SER B 40 -5.73 2.77 -14.44
CA SER B 40 -5.35 3.15 -15.80
C SER B 40 -4.73 1.95 -16.47
N TRP B 41 -4.88 1.84 -17.78
CA TRP B 41 -4.26 0.74 -18.50
C TRP B 41 -2.75 0.71 -18.27
N LYS B 42 -2.15 1.86 -18.01
CA LYS B 42 -0.67 1.95 -17.87
C LYS B 42 -0.16 1.22 -16.62
N ALA B 43 -1.06 0.94 -15.69
CA ALA B 43 -0.70 0.21 -14.48
C ALA B 43 -0.65 -1.29 -14.73
N THR B 44 -1.39 -1.74 -15.74
CA THR B 44 -1.61 -3.16 -15.99
C THR B 44 -0.48 -3.89 -16.69
N SER B 45 0.40 -3.13 -17.36
CA SER B 45 1.48 -3.72 -18.17
C SER B 45 0.89 -4.59 -19.28
N LYS B 46 -0.17 -4.11 -19.92
CA LYS B 46 -0.84 -4.87 -20.97
C LYS B 46 -1.17 -3.98 -22.16
N ARG B 47 -2.45 -3.80 -22.44
CA ARG B 47 -2.86 -3.04 -23.61
C ARG B 47 -3.91 -2.01 -23.21
N GLN B 48 -4.14 -1.01 -24.05
CA GLN B 48 -5.21 -0.05 -23.81
C GLN B 48 -6.55 -0.78 -23.81
N ALA B 49 -7.51 -0.28 -23.03
CA ALA B 49 -8.84 -0.87 -23.01
C ALA B 49 -9.64 -0.45 -24.24
N MET B 50 -10.42 -1.38 -24.82
CA MET B 50 -11.31 -1.07 -25.94
C MET B 50 -12.41 -0.10 -25.51
N SER B 51 -13.13 0.46 -26.46
CA SER B 51 -14.24 1.40 -26.18
C SER B 51 -15.23 0.81 -25.17
N GLY B 52 -15.57 1.60 -24.16
CA GLY B 52 -16.56 1.21 -23.17
C GLY B 52 -16.10 0.16 -22.19
N MET B 53 -14.84 -0.26 -22.29
CA MET B 53 -14.26 -1.14 -21.28
C MET B 53 -13.52 -0.34 -20.20
N ARG B 54 -13.10 -1.03 -19.13
CA ARG B 54 -12.38 -0.43 -18.02
C ARG B 54 -11.43 -1.48 -17.56
N TRP B 55 -10.22 -1.07 -17.18
CA TRP B 55 -9.32 -1.99 -16.54
C TRP B 55 -9.64 -1.98 -15.07
N VAL B 56 -9.70 -3.15 -14.46
CA VAL B 56 -9.88 -3.16 -13.02
C VAL B 56 -8.79 -4.01 -12.42
N GLN B 57 -8.43 -3.72 -11.18
CA GLN B 57 -7.52 -4.58 -10.44
C GLN B 57 -8.30 -5.22 -9.29
N TRP B 58 -8.22 -6.54 -9.18
CA TRP B 58 -9.03 -7.26 -8.19
C TRP B 58 -8.42 -7.19 -6.81
N PHE B 59 -9.19 -6.74 -5.82
CA PHE B 59 -8.73 -6.86 -4.45
C PHE B 59 -8.55 -8.32 -4.10
N GLY B 60 -7.61 -8.62 -3.22
CA GLY B 60 -7.31 -10.00 -2.90
C GLY B 60 -6.11 -10.56 -3.65
N ASP B 61 -6.23 -10.72 -4.97
CA ASP B 61 -5.12 -11.27 -5.73
C ASP B 61 -4.32 -10.25 -6.57
N GLY B 62 -4.76 -9.01 -6.58
CA GLY B 62 -4.09 -7.95 -7.33
C GLY B 62 -3.98 -8.13 -8.84
N LYS B 63 -4.74 -9.07 -9.41
CA LYS B 63 -4.67 -9.31 -10.85
C LYS B 63 -5.50 -8.31 -11.67
N PHE B 64 -5.27 -8.28 -12.99
CA PHE B 64 -5.90 -7.30 -13.85
C PHE B 64 -6.84 -7.93 -14.86
N SER B 65 -7.98 -7.27 -15.05
CA SER B 65 -9.00 -7.71 -16.01
C SER B 65 -9.62 -6.52 -16.72
N GLU B 66 -9.89 -6.69 -18.01
CA GLU B 66 -10.62 -5.70 -18.80
C GLU B 66 -12.10 -6.04 -18.71
N VAL B 67 -12.91 -5.14 -18.17
CA VAL B 67 -14.33 -5.45 -17.91
C VAL B 67 -15.19 -4.35 -18.51
N SER B 68 -16.34 -4.70 -19.04
CA SER B 68 -17.24 -3.70 -19.60
C SER B 68 -17.72 -2.78 -18.50
N ALA B 69 -17.81 -1.49 -18.79
CA ALA B 69 -18.36 -0.53 -17.82
C ALA B 69 -19.86 -0.75 -17.53
N ASP B 70 -20.46 -1.70 -18.22
CA ASP B 70 -21.88 -2.00 -18.01
C ASP B 70 -22.04 -3.21 -17.10
N LYS B 71 -20.97 -3.97 -16.88
CA LYS B 71 -20.97 -5.08 -15.94
C LYS B 71 -20.21 -4.72 -14.63
N LEU B 72 -20.36 -3.46 -14.21
CA LEU B 72 -19.68 -2.91 -13.03
C LEU B 72 -20.65 -2.09 -12.19
N VAL B 73 -20.64 -2.29 -10.88
CA VAL B 73 -21.50 -1.55 -9.95
C VAL B 73 -20.61 -0.84 -8.94
N ALA B 74 -21.03 0.33 -8.44
CA ALA B 74 -20.24 1.03 -7.41
C ALA B 74 -20.18 0.18 -6.14
N LEU B 75 -19.05 0.24 -5.43
CA LEU B 75 -18.88 -0.57 -4.22
C LEU B 75 -19.93 -0.18 -3.18
N GLY B 76 -20.31 1.10 -3.18
CA GLY B 76 -21.42 1.62 -2.39
C GLY B 76 -22.65 0.71 -2.29
N LEU B 77 -23.10 0.16 -3.42
CA LEU B 77 -24.20 -0.79 -3.35
C LEU B 77 -23.69 -2.09 -2.73
N PHE B 78 -23.33 -2.02 -1.45
CA PHE B 78 -22.64 -3.11 -0.79
C PHE B 78 -23.47 -4.38 -0.54
N SER B 79 -24.59 -4.24 0.16
CA SER B 79 -25.35 -5.42 0.61
C SER B 79 -25.98 -6.18 -0.55
N GLN B 80 -26.33 -5.43 -1.59
CA GLN B 80 -26.94 -5.99 -2.80
C GLN B 80 -25.99 -6.94 -3.51
N HIS B 81 -24.69 -6.72 -3.36
CA HIS B 81 -23.74 -7.51 -4.15
C HIS B 81 -22.83 -8.39 -3.34
N PHE B 82 -22.59 -8.01 -2.09
CA PHE B 82 -21.91 -8.89 -1.16
C PHE B 82 -22.58 -10.26 -1.22
N ASN B 83 -21.79 -11.33 -1.14
CA ASN B 83 -22.35 -12.67 -1.25
C ASN B 83 -21.94 -13.53 -0.06
N LEU B 84 -22.87 -13.66 0.89
CA LEU B 84 -22.59 -14.35 2.16
C LEU B 84 -22.19 -15.81 1.95
N ALA B 85 -22.86 -16.49 1.03
CA ALA B 85 -22.49 -17.87 0.69
C ALA B 85 -21.02 -17.95 0.21
N THR B 86 -20.62 -17.12 -0.75
CA THR B 86 -19.24 -17.15 -1.23
C THR B 86 -18.26 -16.75 -0.12
N PHE B 87 -18.67 -15.81 0.74
CA PHE B 87 -17.85 -15.35 1.87
C PHE B 87 -17.47 -16.50 2.81
N ASN B 88 -18.48 -17.20 3.32
CA ASN B 88 -18.28 -18.33 4.20
C ASN B 88 -17.54 -19.51 3.55
N LYS B 89 -17.71 -19.67 2.23
CA LYS B 89 -17.07 -20.78 1.51
C LYS B 89 -15.57 -20.56 1.17
N LEU B 90 -15.22 -19.39 0.60
CA LEU B 90 -13.84 -19.16 0.11
C LEU B 90 -13.05 -18.16 0.95
N VAL B 91 -11.89 -18.58 1.43
CA VAL B 91 -10.98 -17.69 2.16
C VAL B 91 -10.48 -16.55 1.25
N SER B 92 -10.39 -16.85 -0.05
CA SER B 92 -9.93 -15.85 -1.02
C SER B 92 -10.85 -14.63 -1.02
N TYR B 93 -12.16 -14.87 -1.03
CA TYR B 93 -13.18 -13.82 -0.98
C TYR B 93 -13.07 -13.01 0.31
N ARG B 94 -12.88 -13.69 1.42
CA ARG B 94 -12.72 -13.00 2.71
C ARG B 94 -11.53 -12.05 2.64
N LYS B 95 -10.44 -12.53 2.05
CA LYS B 95 -9.22 -11.74 1.89
C LYS B 95 -9.49 -10.49 1.04
N ALA B 96 -10.10 -10.72 -0.13
CA ALA B 96 -10.54 -9.64 -0.99
C ALA B 96 -11.40 -8.60 -0.24
N MET B 97 -12.35 -9.09 0.56
CA MET B 97 -13.18 -8.17 1.34
C MET B 97 -12.36 -7.27 2.25
N TYR B 98 -11.40 -7.85 2.97
CA TYR B 98 -10.64 -7.04 3.91
C TYR B 98 -9.87 -5.90 3.22
N HIS B 99 -9.16 -6.25 2.15
CA HIS B 99 -8.37 -5.26 1.43
C HIS B 99 -9.24 -4.18 0.81
N ALA B 100 -10.38 -4.59 0.25
CA ALA B 100 -11.35 -3.66 -0.34
C ALA B 100 -11.90 -2.69 0.70
N LEU B 101 -12.35 -3.23 1.83
CA LEU B 101 -12.87 -2.39 2.91
C LEU B 101 -11.79 -1.52 3.57
N GLU B 102 -10.56 -2.02 3.60
CA GLU B 102 -9.46 -1.21 4.13
C GLU B 102 -9.27 0.05 3.29
N LYS B 103 -9.24 -0.11 1.96
CA LYS B 103 -9.13 1.04 1.06
C LYS B 103 -10.35 1.94 1.23
N ALA B 104 -11.51 1.31 1.39
CA ALA B 104 -12.75 2.03 1.71
C ALA B 104 -12.58 2.85 2.99
N ARG B 105 -12.13 2.17 4.05
CA ARG B 105 -11.93 2.82 5.34
C ARG B 105 -11.05 4.06 5.24
N VAL B 106 -9.86 3.90 4.64
CA VAL B 106 -8.91 5.00 4.54
C VAL B 106 -9.49 6.21 3.78
N ARG B 107 -10.09 5.97 2.63
CA ARG B 107 -10.64 7.06 1.84
C ARG B 107 -11.74 7.80 2.58
N ALA B 108 -12.52 7.04 3.35
CA ALA B 108 -13.63 7.59 4.13
C ALA B 108 -13.16 8.42 5.32
N GLY B 109 -12.06 8.02 5.96
CA GLY B 109 -11.62 8.61 7.21
C GLY B 109 -12.08 7.81 8.43
N LYS B 110 -12.73 6.68 8.18
CA LYS B 110 -13.24 5.81 9.24
C LYS B 110 -12.11 5.19 10.05
N THR B 111 -12.42 4.82 11.30
CA THR B 111 -11.48 4.12 12.17
C THR B 111 -12.16 2.95 12.87
N PHE B 112 -11.40 1.89 13.11
CA PHE B 112 -11.90 0.73 13.83
C PHE B 112 -10.93 0.30 14.92
N PRO B 113 -11.38 0.36 16.19
CA PRO B 113 -10.64 -0.05 17.38
C PRO B 113 -9.95 -1.41 17.24
N LEU B 120 -7.94 -11.68 11.36
CA LEU B 120 -8.58 -11.44 10.07
C LEU B 120 -10.06 -11.16 10.28
N GLU B 121 -10.82 -12.24 10.45
CA GLU B 121 -12.26 -12.15 10.70
C GLU B 121 -12.50 -11.27 11.91
N ASP B 122 -11.53 -11.26 12.82
CA ASP B 122 -11.51 -10.32 13.94
C ASP B 122 -11.73 -8.93 13.36
N GLN B 123 -10.85 -8.55 12.44
CA GLN B 123 -10.80 -7.19 11.90
C GLN B 123 -11.94 -6.91 10.92
N LEU B 124 -12.45 -7.96 10.29
CA LEU B 124 -13.48 -7.85 9.26
C LEU B 124 -14.87 -7.49 9.78
N LYS B 125 -15.28 -8.10 10.90
CA LYS B 125 -16.62 -7.90 11.48
C LYS B 125 -17.09 -6.44 11.67
N PRO B 126 -16.26 -5.56 12.25
CA PRO B 126 -16.71 -4.16 12.36
C PRO B 126 -16.68 -3.44 11.02
N MET B 127 -15.94 -3.98 10.07
CA MET B 127 -15.82 -3.37 8.75
C MET B 127 -17.05 -3.70 7.91
N LEU B 128 -17.39 -4.99 7.86
CA LEU B 128 -18.57 -5.48 7.20
C LEU B 128 -19.85 -4.78 7.70
N GLU B 129 -19.96 -4.58 9.00
CA GLU B 129 -21.10 -3.87 9.55
C GLU B 129 -21.17 -2.44 9.04
N TRP B 130 -20.01 -1.79 9.01
CA TRP B 130 -19.91 -0.43 8.53
C TRP B 130 -20.39 -0.32 7.10
N ALA B 131 -20.10 -1.37 6.33
CA ALA B 131 -20.41 -1.39 4.90
C ALA B 131 -21.90 -1.69 4.71
N HIS B 132 -22.34 -2.83 5.26
CA HIS B 132 -23.72 -3.29 5.20
C HIS B 132 -24.73 -2.22 5.62
N GLY B 133 -24.26 -1.26 6.42
CA GLY B 133 -25.10 -0.20 6.95
C GLY B 133 -24.86 1.15 6.32
N GLY B 134 -24.29 1.16 5.12
CA GLY B 134 -24.26 2.37 4.32
C GLY B 134 -23.08 3.30 4.54
N PHE B 135 -22.01 2.78 5.13
CA PHE B 135 -20.77 3.54 5.31
C PHE B 135 -20.97 4.81 6.12
N LYS B 136 -21.75 4.71 7.18
CA LYS B 136 -21.97 5.84 8.08
C LYS B 136 -20.62 6.18 8.77
N PRO B 137 -20.38 7.47 9.06
CA PRO B 137 -21.30 8.60 8.86
C PRO B 137 -21.16 9.23 7.48
N THR B 138 -20.10 8.84 6.78
CA THR B 138 -19.74 9.52 5.55
C THR B 138 -20.64 9.20 4.34
N GLY B 139 -21.24 8.01 4.35
CA GLY B 139 -22.03 7.54 3.22
C GLY B 139 -21.14 7.08 2.08
N ILE B 140 -21.74 6.76 0.92
CA ILE B 140 -20.97 6.31 -0.24
C ILE B 140 -20.16 7.44 -0.86
N GLU B 141 -20.37 8.65 -0.39
CA GLU B 141 -19.64 9.82 -0.87
C GLU B 141 -18.17 9.77 -0.44
N GLY B 142 -17.89 9.06 0.65
CA GLY B 142 -16.54 9.02 1.19
C GLY B 142 -15.63 7.98 0.57
N LEU B 143 -16.14 7.21 -0.39
CA LEU B 143 -15.35 6.17 -1.03
C LEU B 143 -14.63 6.67 -2.28
N LYS B 144 -14.91 7.90 -2.68
CA LYS B 144 -14.32 8.47 -3.89
C LYS B 144 -12.80 8.69 -3.78
N PRO B 145 -12.10 8.61 -4.92
CA PRO B 145 -10.65 8.86 -4.95
C PRO B 145 -10.27 10.34 -4.78
N ASN B 146 -9.03 10.59 -4.31
CA ASN B 146 -8.50 11.93 -4.03
C ASN B 146 -9.22 12.66 -2.88
#